data_4DIJ
#
_entry.id   4DIJ
#
_cell.length_a   38.234
_cell.length_b   38.234
_cell.length_c   175.151
_cell.angle_alpha   90.00
_cell.angle_beta   90.00
_cell.angle_gamma   90.00
#
_symmetry.space_group_name_H-M   'P 43'
#
loop_
_entity.id
_entity.type
_entity.pdbx_description
1 polymer 'E3 ubiquitin-protein ligase Mdm2'
2 non-polymer 6-chloro-3-[1-(4-chlorobenzyl)-4-phenyl-1H-imidazol-5-yl]-N-[2-(morpholin-4-yl)ethyl]-1H-indole-2-carboxamide
3 water water
#
_entity_poly.entity_id   1
_entity_poly.type   'polypeptide(L)'
_entity_poly.pdbx_seq_one_letter_code
;GSQIPASEQETLVRPKPELLKLLKSVGAQKDTYTMKEVLFYLGQYIMTKRLYDEKQQHIVYCSNDLLGDLFGVPSFSVKE
HRKIYTMIYRNLVVVN
;
_entity_poly.pdbx_strand_id   A,B
#
loop_
_chem_comp.id
_chem_comp.type
_chem_comp.name
_chem_comp.formula
BLF non-polymer 6-chloro-3-[1-(4-chlorobenzyl)-4-phenyl-1H-imidazol-5-yl]-N-[2-(morpholin-4-yl)ethyl]-1H-indole-2-carboxamide 'C31 H29 Cl2 N5 O2'
#
# COMPACT_ATOMS: atom_id res chain seq x y z
N GLN A 3 -11.17 -7.97 13.90
CA GLN A 3 -12.08 -8.91 13.18
C GLN A 3 -11.58 -10.36 13.23
N ILE A 4 -10.26 -10.54 13.21
CA ILE A 4 -9.67 -11.89 13.24
C ILE A 4 -8.95 -12.07 14.59
N PRO A 5 -9.22 -13.18 15.30
CA PRO A 5 -8.56 -13.46 16.57
C PRO A 5 -7.04 -13.41 16.45
N ALA A 6 -6.38 -12.83 17.46
CA ALA A 6 -4.93 -12.68 17.48
C ALA A 6 -4.17 -13.99 17.26
N SER A 7 -4.63 -15.07 17.90
CA SER A 7 -4.01 -16.40 17.76
C SER A 7 -4.08 -16.92 16.31
N GLU A 8 -5.18 -16.62 15.63
CA GLU A 8 -5.34 -17.02 14.23
C GLU A 8 -4.43 -16.21 13.31
N GLN A 9 -4.27 -14.92 13.62
CA GLN A 9 -3.35 -14.06 12.85
C GLN A 9 -1.89 -14.53 12.95
N GLU A 10 -1.54 -15.15 14.07
CA GLU A 10 -0.17 -15.60 14.29
C GLU A 10 0.14 -17.02 13.81
N THR A 11 -0.85 -17.71 13.23
CA THR A 11 -0.65 -19.07 12.67
C THR A 11 0.48 -19.11 11.64
N LEU A 12 1.46 -20.00 11.87
CA LEU A 12 2.51 -20.25 10.88
C LEU A 12 1.95 -21.07 9.72
N VAL A 13 2.17 -20.58 8.51
CA VAL A 13 1.63 -21.21 7.31
C VAL A 13 2.68 -21.34 6.22
N ARG A 14 2.47 -22.31 5.33
CA ARG A 14 3.34 -22.54 4.20
C ARG A 14 2.53 -22.37 2.91
N PRO A 15 2.69 -21.22 2.24
CA PRO A 15 1.94 -20.95 1.00
C PRO A 15 2.21 -21.99 -0.08
N LYS A 16 1.17 -22.36 -0.81
CA LYS A 16 1.31 -23.25 -1.95
C LYS A 16 2.06 -22.51 -3.06
N PRO A 17 2.62 -23.26 -4.05
CA PRO A 17 3.52 -22.69 -5.07
C PRO A 17 3.05 -21.39 -5.73
N GLU A 18 1.77 -21.32 -6.10
CA GLU A 18 1.23 -20.15 -6.78
C GLU A 18 1.16 -18.90 -5.89
N LEU A 19 0.64 -19.03 -4.67
CA LEU A 19 0.63 -17.92 -3.73
C LEU A 19 2.05 -17.51 -3.34
N LEU A 20 2.93 -18.49 -3.15
CA LEU A 20 4.33 -18.18 -2.81
C LEU A 20 5.02 -17.33 -3.88
N LYS A 21 4.77 -17.66 -5.14
CA LYS A 21 5.27 -16.86 -6.27
C LYS A 21 4.75 -15.42 -6.23
N LEU A 22 3.47 -15.26 -5.91
CA LEU A 22 2.88 -13.93 -5.74
C LEU A 22 3.56 -13.12 -4.63
N LEU A 23 3.77 -13.76 -3.48
CA LEU A 23 4.43 -13.11 -2.35
C LEU A 23 5.86 -12.72 -2.66
N LYS A 24 6.61 -13.64 -3.27
CA LYS A 24 8.01 -13.37 -3.66
C LYS A 24 8.13 -12.27 -4.72
N SER A 25 7.08 -12.09 -5.52
CA SER A 25 7.03 -11.01 -6.52
C SER A 25 6.95 -9.61 -5.90
N VAL A 26 6.52 -9.53 -4.64
CA VAL A 26 6.53 -8.24 -3.91
C VAL A 26 7.57 -8.21 -2.80
N GLY A 27 8.60 -9.05 -2.93
CA GLY A 27 9.77 -8.96 -2.06
C GLY A 27 9.83 -9.86 -0.85
N ALA A 28 8.88 -10.80 -0.73
CA ALA A 28 8.91 -11.75 0.37
C ALA A 28 10.10 -12.72 0.19
N GLN A 29 10.78 -13.03 1.29
CA GLN A 29 12.08 -13.72 1.24
C GLN A 29 12.09 -15.09 1.91
N LYS A 30 10.92 -15.54 2.39
CA LYS A 30 10.81 -16.77 3.17
C LYS A 30 9.89 -17.80 2.51
N ASP A 31 9.82 -18.99 3.09
CA ASP A 31 8.90 -20.03 2.62
C ASP A 31 7.77 -20.27 3.63
N THR A 32 8.00 -19.86 4.87
CA THR A 32 6.96 -19.92 5.90
C THR A 32 6.73 -18.55 6.54
N TYR A 33 5.46 -18.26 6.82
CA TYR A 33 5.02 -16.95 7.28
C TYR A 33 3.91 -17.11 8.31
N THR A 34 3.68 -16.08 9.11
CA THR A 34 2.43 -15.98 9.87
C THR A 34 1.35 -15.49 8.92
N MET A 35 0.09 -15.76 9.25
CA MET A 35 -1.04 -15.21 8.47
C MET A 35 -0.93 -13.69 8.36
N LYS A 36 -0.56 -13.04 9.46
CA LYS A 36 -0.35 -11.60 9.49
C LYS A 36 0.60 -11.13 8.38
N GLU A 37 1.74 -11.82 8.23
CA GLU A 37 2.74 -11.50 7.20
C GLU A 37 2.22 -11.75 5.78
N VAL A 38 1.48 -12.85 5.60
CA VAL A 38 0.86 -13.12 4.30
C VAL A 38 -0.06 -11.96 3.91
N LEU A 39 -0.87 -11.49 4.85
CA LEU A 39 -1.80 -10.39 4.59
C LEU A 39 -1.10 -9.09 4.23
N PHE A 40 0.04 -8.82 4.89
CA PHE A 40 0.86 -7.65 4.55
C PHE A 40 1.30 -7.65 3.08
N TYR A 41 1.91 -8.75 2.64
CA TYR A 41 2.38 -8.88 1.27
C TYR A 41 1.25 -8.87 0.24
N LEU A 42 0.09 -9.43 0.60
CA LEU A 42 -1.09 -9.36 -0.28
C LEU A 42 -1.55 -7.90 -0.41
N GLY A 43 -1.53 -7.18 0.70
CA GLY A 43 -1.74 -5.73 0.68
C GLY A 43 -0.76 -5.01 -0.24
N GLN A 44 0.53 -5.36 -0.13
CA GLN A 44 1.61 -4.84 -0.98
C GLN A 44 1.31 -5.02 -2.47
N TYR A 45 0.86 -6.23 -2.80
CA TYR A 45 0.53 -6.63 -4.17
C TYR A 45 -0.63 -5.83 -4.76
N ILE A 46 -1.72 -5.76 -4.02
CA ILE A 46 -2.94 -5.06 -4.42
C ILE A 46 -2.61 -3.59 -4.70
N MET A 47 -1.83 -3.01 -3.81
CA MET A 47 -1.38 -1.63 -3.93
C MET A 47 -0.53 -1.36 -5.18
N THR A 48 0.50 -2.18 -5.40
CA THR A 48 1.44 -1.95 -6.50
C THR A 48 0.80 -2.18 -7.86
N LYS A 49 -0.07 -3.19 -7.94
CA LYS A 49 -0.83 -3.45 -9.16
C LYS A 49 -2.11 -2.61 -9.27
N ARG A 50 -2.36 -1.79 -8.24
CA ARG A 50 -3.54 -0.93 -8.15
C ARG A 50 -4.82 -1.65 -8.51
N LEU A 51 -5.06 -2.77 -7.82
CA LEU A 51 -6.24 -3.59 -8.08
C LEU A 51 -7.48 -3.04 -7.39
N TYR A 52 -7.29 -2.16 -6.40
CA TYR A 52 -8.39 -1.46 -5.76
C TYR A 52 -9.04 -0.51 -6.78
N ASP A 53 -10.35 -0.32 -6.68
CA ASP A 53 -11.06 0.59 -7.58
C ASP A 53 -10.77 2.04 -7.23
N GLU A 54 -10.47 2.87 -8.23
CA GLU A 54 -10.14 4.28 -7.98
C GLU A 54 -11.30 5.05 -7.34
N LYS A 55 -12.52 4.78 -7.78
CA LYS A 55 -13.74 5.39 -7.23
C LYS A 55 -14.18 4.77 -5.89
N GLN A 56 -14.17 3.44 -5.80
CA GLN A 56 -14.57 2.75 -4.57
C GLN A 56 -13.36 2.00 -4.03
N GLN A 57 -12.54 2.70 -3.24
CA GLN A 57 -11.19 2.21 -2.90
C GLN A 57 -11.14 1.07 -1.88
N HIS A 58 -12.29 0.72 -1.34
CA HIS A 58 -12.42 -0.47 -0.48
C HIS A 58 -12.75 -1.74 -1.29
N ILE A 59 -13.03 -1.57 -2.57
CA ILE A 59 -13.30 -2.71 -3.46
C ILE A 59 -12.07 -3.08 -4.31
N VAL A 60 -11.70 -4.35 -4.26
CA VAL A 60 -10.60 -4.89 -5.05
C VAL A 60 -11.18 -5.68 -6.23
N TYR A 61 -10.78 -5.31 -7.44
CA TYR A 61 -11.11 -6.09 -8.63
C TYR A 61 -9.93 -6.97 -8.99
N CYS A 62 -10.05 -8.25 -8.66
CA CYS A 62 -8.98 -9.21 -8.86
C CYS A 62 -9.28 -10.17 -10.03
N SER A 63 -10.42 -10.02 -10.69
CA SER A 63 -10.71 -10.85 -11.87
C SER A 63 -9.59 -10.70 -12.90
N ASN A 64 -9.30 -11.81 -13.60
CA ASN A 64 -8.32 -11.85 -14.67
C ASN A 64 -6.89 -11.54 -14.22
N ASP A 65 -6.67 -11.64 -12.91
CA ASP A 65 -5.36 -11.46 -12.32
C ASP A 65 -5.05 -12.73 -11.52
N LEU A 66 -3.75 -13.02 -11.35
CA LEU A 66 -3.32 -14.09 -10.45
C LEU A 66 -4.11 -14.13 -9.13
N LEU A 67 -4.33 -12.97 -8.52
CA LEU A 67 -5.03 -12.91 -7.22
C LEU A 67 -6.47 -13.42 -7.31
N GLY A 68 -7.17 -13.08 -8.40
CA GLY A 68 -8.52 -13.59 -8.63
C GLY A 68 -8.54 -15.09 -8.83
N ASP A 69 -7.53 -15.62 -9.52
CA ASP A 69 -7.38 -17.07 -9.71
C ASP A 69 -7.22 -17.76 -8.36
N LEU A 70 -6.40 -17.18 -7.50
CA LEU A 70 -6.16 -17.73 -6.17
C LEU A 70 -7.40 -17.66 -5.28
N PHE A 71 -8.08 -16.51 -5.30
CA PHE A 71 -9.23 -16.28 -4.42
C PHE A 71 -10.54 -16.89 -4.93
N GLY A 72 -10.67 -17.03 -6.25
CA GLY A 72 -11.88 -17.60 -6.85
C GLY A 72 -13.08 -16.64 -6.96
N VAL A 73 -12.82 -15.34 -6.83
CA VAL A 73 -13.87 -14.30 -6.95
C VAL A 73 -13.46 -13.19 -7.93
N PRO A 74 -14.45 -12.46 -8.51
CA PRO A 74 -14.06 -11.37 -9.41
C PRO A 74 -13.70 -10.08 -8.67
N SER A 75 -14.28 -9.90 -7.49
CA SER A 75 -14.03 -8.75 -6.63
C SER A 75 -14.36 -9.08 -5.17
N PHE A 76 -13.88 -8.24 -4.26
CA PHE A 76 -14.22 -8.35 -2.83
C PHE A 76 -13.95 -7.02 -2.14
N SER A 77 -14.54 -6.84 -0.96
CA SER A 77 -14.30 -5.67 -0.13
C SER A 77 -13.21 -5.95 0.91
N VAL A 78 -12.33 -4.97 1.12
CA VAL A 78 -11.24 -5.09 2.10
C VAL A 78 -11.76 -5.02 3.54
N LYS A 79 -13.03 -4.64 3.70
CA LYS A 79 -13.64 -4.55 5.03
C LYS A 79 -14.12 -5.90 5.57
N GLU A 80 -14.14 -6.91 4.72
CA GLU A 80 -14.70 -8.21 5.11
C GLU A 80 -13.58 -9.21 5.41
N HIS A 81 -12.99 -9.08 6.60
CA HIS A 81 -11.76 -9.82 6.95
C HIS A 81 -11.94 -11.33 6.98
N ARG A 82 -13.02 -11.80 7.58
CA ARG A 82 -13.27 -13.25 7.65
C ARG A 82 -13.38 -13.85 6.25
N LYS A 83 -14.10 -13.16 5.36
CA LYS A 83 -14.23 -13.60 3.97
C LYS A 83 -12.85 -13.68 3.28
N ILE A 84 -12.01 -12.70 3.54
CA ILE A 84 -10.64 -12.72 2.99
C ILE A 84 -9.81 -13.90 3.49
N TYR A 85 -9.80 -14.14 4.81
CA TYR A 85 -9.12 -15.32 5.36
C TYR A 85 -9.59 -16.64 4.74
N THR A 86 -10.91 -16.74 4.56
CA THR A 86 -11.55 -17.89 3.93
C THR A 86 -11.00 -18.14 2.53
N MET A 87 -10.86 -17.08 1.73
CA MET A 87 -10.30 -17.21 0.38
C MET A 87 -8.82 -17.58 0.37
N ILE A 88 -8.06 -17.09 1.35
CA ILE A 88 -6.64 -17.36 1.45
C ILE A 88 -6.35 -18.82 1.84
N TYR A 89 -7.13 -19.38 2.78
CA TYR A 89 -6.84 -20.70 3.32
C TYR A 89 -6.71 -21.83 2.28
N ARG A 90 -7.49 -21.74 1.19
CA ARG A 90 -7.35 -22.60 0.01
C ARG A 90 -5.90 -22.72 -0.47
N ASN A 91 -5.15 -21.66 -0.24
CA ASN A 91 -3.85 -21.47 -0.89
C ASN A 91 -2.63 -21.71 -0.03
N LEU A 92 -2.84 -22.34 1.13
CA LEU A 92 -1.73 -22.59 2.04
C LEU A 92 -1.92 -23.83 2.90
N VAL A 93 -0.83 -24.24 3.54
CA VAL A 93 -0.83 -25.39 4.44
C VAL A 93 -0.35 -24.90 5.80
N VAL A 94 -1.09 -25.24 6.84
CA VAL A 94 -0.69 -24.88 8.20
C VAL A 94 0.47 -25.78 8.63
N VAL A 95 1.47 -25.16 9.26
CA VAL A 95 2.65 -25.85 9.78
C VAL A 95 2.29 -26.64 11.04
N GLN B 3 -12.31 15.33 -0.92
CA GLN B 3 -11.58 16.40 -0.18
C GLN B 3 -10.82 17.33 -1.13
N ILE B 4 -10.12 16.74 -2.09
CA ILE B 4 -9.38 17.52 -3.08
C ILE B 4 -10.12 17.46 -4.41
N PRO B 5 -10.47 18.63 -4.98
CA PRO B 5 -11.10 18.70 -6.30
C PRO B 5 -10.35 17.85 -7.33
N ALA B 6 -11.09 17.08 -8.12
CA ALA B 6 -10.49 16.16 -9.10
C ALA B 6 -9.51 16.86 -10.04
N SER B 7 -9.80 18.11 -10.38
CA SER B 7 -8.94 18.88 -11.29
C SER B 7 -7.60 19.25 -10.65
N GLU B 8 -7.59 19.51 -9.34
CA GLU B 8 -6.35 19.81 -8.64
C GLU B 8 -5.46 18.57 -8.57
N GLN B 9 -6.07 17.39 -8.38
CA GLN B 9 -5.33 16.12 -8.37
C GLN B 9 -4.56 15.88 -9.67
N GLU B 10 -4.92 16.63 -10.73
CA GLU B 10 -4.30 16.51 -12.05
C GLU B 10 -3.12 17.46 -12.27
N THR B 11 -2.91 18.39 -11.35
CA THR B 11 -1.81 19.37 -11.43
C THR B 11 -0.47 18.68 -11.69
N LEU B 12 0.21 19.10 -12.75
CA LEU B 12 1.53 18.58 -13.09
C LEU B 12 2.60 19.29 -12.25
N VAL B 13 3.45 18.51 -11.57
CA VAL B 13 4.46 19.09 -10.67
C VAL B 13 5.84 18.45 -10.88
N ARG B 14 6.89 19.15 -10.46
CA ARG B 14 8.25 18.64 -10.49
C ARG B 14 8.78 18.57 -9.06
N PRO B 15 8.82 17.35 -8.48
CA PRO B 15 9.35 17.18 -7.12
C PRO B 15 10.79 17.65 -7.01
N LYS B 16 11.13 18.31 -5.90
CA LYS B 16 12.52 18.68 -5.67
C LYS B 16 13.38 17.40 -5.46
N PRO B 17 14.71 17.50 -5.65
CA PRO B 17 15.57 16.31 -5.68
C PRO B 17 15.36 15.27 -4.56
N GLU B 18 15.27 15.72 -3.31
CA GLU B 18 15.08 14.80 -2.19
C GLU B 18 13.74 14.07 -2.20
N LEU B 19 12.67 14.76 -2.61
CA LEU B 19 11.37 14.10 -2.80
C LEU B 19 11.38 13.13 -3.99
N LEU B 20 12.04 13.54 -5.08
CA LEU B 20 12.19 12.66 -6.24
C LEU B 20 12.92 11.36 -5.89
N LYS B 21 13.98 11.49 -5.11
CA LYS B 21 14.76 10.33 -4.63
C LYS B 21 13.85 9.33 -3.90
N LEU B 22 12.96 9.87 -3.07
CA LEU B 22 11.99 9.05 -2.33
C LEU B 22 11.05 8.28 -3.27
N LEU B 23 10.45 8.97 -4.25
CA LEU B 23 9.55 8.31 -5.20
C LEU B 23 10.25 7.23 -6.03
N LYS B 24 11.51 7.48 -6.40
CA LYS B 24 12.26 6.54 -7.23
C LYS B 24 12.64 5.29 -6.43
N SER B 25 12.78 5.44 -5.12
CA SER B 25 13.08 4.32 -4.23
C SER B 25 11.95 3.28 -4.22
N VAL B 26 10.75 3.70 -4.58
CA VAL B 26 9.62 2.78 -4.75
C VAL B 26 9.20 2.61 -6.22
N GLY B 27 10.13 2.88 -7.13
CA GLY B 27 9.95 2.50 -8.53
C GLY B 27 9.36 3.51 -9.49
N ALA B 28 9.25 4.78 -9.08
CA ALA B 28 8.84 5.84 -10.00
C ALA B 28 9.89 6.01 -11.11
N GLN B 29 9.44 6.29 -12.32
CA GLN B 29 10.34 6.34 -13.49
C GLN B 29 10.66 7.75 -14.00
N LYS B 30 9.78 8.71 -13.70
CA LYS B 30 9.77 10.02 -14.36
C LYS B 30 10.33 11.16 -13.53
N ASP B 31 10.37 12.35 -14.13
CA ASP B 31 10.85 13.56 -13.44
C ASP B 31 9.70 14.48 -13.03
N THR B 32 8.57 14.37 -13.75
CA THR B 32 7.36 15.14 -13.46
C THR B 32 6.16 14.22 -13.33
N TYR B 33 5.22 14.60 -12.46
CA TYR B 33 4.08 13.78 -12.13
C TYR B 33 2.85 14.65 -11.90
N THR B 34 1.67 14.06 -12.05
CA THR B 34 0.45 14.69 -11.52
C THR B 34 0.51 14.50 -10.00
N MET B 35 -0.18 15.36 -9.26
CA MET B 35 -0.23 15.23 -7.80
C MET B 35 -0.78 13.85 -7.43
N LYS B 36 -1.77 13.37 -8.19
CA LYS B 36 -2.34 12.04 -7.99
C LYS B 36 -1.26 10.96 -8.03
N GLU B 37 -0.34 11.07 -8.98
CA GLU B 37 0.79 10.12 -9.11
C GLU B 37 1.77 10.22 -7.94
N VAL B 38 2.12 11.45 -7.57
CA VAL B 38 3.00 11.65 -6.40
C VAL B 38 2.41 10.98 -5.16
N LEU B 39 1.11 11.15 -4.95
CA LEU B 39 0.43 10.60 -3.79
C LEU B 39 0.43 9.08 -3.82
N PHE B 40 0.24 8.50 -5.01
CA PHE B 40 0.39 7.05 -5.18
C PHE B 40 1.75 6.53 -4.70
N TYR B 41 2.85 7.10 -5.20
CA TYR B 41 4.17 6.63 -4.77
C TYR B 41 4.48 6.86 -3.29
N LEU B 42 4.00 7.98 -2.73
CA LEU B 42 4.10 8.23 -1.28
C LEU B 42 3.34 7.18 -0.47
N GLY B 43 2.18 6.78 -0.97
CA GLY B 43 1.42 5.66 -0.40
C GLY B 43 2.25 4.37 -0.39
N GLN B 44 2.87 4.06 -1.52
CA GLN B 44 3.75 2.89 -1.65
C GLN B 44 4.88 2.91 -0.63
N TYR B 45 5.50 4.09 -0.51
CA TYR B 45 6.62 4.30 0.42
C TYR B 45 6.19 4.05 1.86
N ILE B 46 5.13 4.71 2.31
CA ILE B 46 4.58 4.55 3.66
C ILE B 46 4.20 3.08 3.95
N MET B 47 3.59 2.45 2.96
CA MET B 47 3.19 1.05 3.06
C MET B 47 4.37 0.11 3.26
N THR B 48 5.36 0.24 2.39
CA THR B 48 6.50 -0.68 2.37
C THR B 48 7.41 -0.48 3.59
N LYS B 49 7.58 0.78 3.99
CA LYS B 49 8.34 1.07 5.21
C LYS B 49 7.50 0.93 6.49
N ARG B 50 6.20 0.61 6.33
CA ARG B 50 5.28 0.47 7.45
C ARG B 50 5.32 1.69 8.41
N LEU B 51 5.21 2.88 7.85
CA LEU B 51 5.31 4.11 8.64
C LEU B 51 3.99 4.42 9.36
N TYR B 52 2.91 3.81 8.89
CA TYR B 52 1.61 3.90 9.58
C TYR B 52 1.73 3.16 10.90
N ASP B 53 0.97 3.61 11.90
CA ASP B 53 1.00 2.98 13.21
C ASP B 53 0.19 1.68 13.17
N GLU B 54 0.73 0.62 13.78
CA GLU B 54 0.06 -0.68 13.79
C GLU B 54 -1.32 -0.61 14.45
N LYS B 55 -1.41 0.14 15.54
CA LYS B 55 -2.65 0.29 16.32
C LYS B 55 -3.60 1.34 15.72
N GLN B 56 -3.05 2.49 15.37
CA GLN B 56 -3.83 3.58 14.77
C GLN B 56 -3.40 3.76 13.32
N GLN B 57 -4.03 3.01 12.42
CA GLN B 57 -3.51 2.83 11.07
C GLN B 57 -3.71 4.03 10.13
N HIS B 58 -4.47 5.03 10.59
CA HIS B 58 -4.63 6.29 9.87
C HIS B 58 -3.58 7.34 10.26
N ILE B 59 -2.75 7.01 11.27
CA ILE B 59 -1.65 7.90 11.67
C ILE B 59 -0.33 7.42 11.09
N VAL B 60 0.35 8.32 10.39
CA VAL B 60 1.69 8.05 9.87
C VAL B 60 2.73 8.72 10.77
N TYR B 61 3.66 7.91 11.28
CA TYR B 61 4.80 8.44 12.03
C TYR B 61 6.02 8.52 11.13
N CYS B 62 6.32 9.74 10.71
CA CYS B 62 7.38 9.99 9.75
C CYS B 62 8.62 10.62 10.39
N SER B 63 8.56 10.89 11.70
CA SER B 63 9.71 11.43 12.40
C SER B 63 10.91 10.51 12.21
N ASN B 64 12.09 11.12 12.03
CA ASN B 64 13.34 10.39 11.89
C ASN B 64 13.43 9.56 10.61
N ASP B 65 12.50 9.81 9.68
CA ASP B 65 12.54 9.25 8.33
C ASP B 65 12.68 10.41 7.34
N LEU B 66 13.23 10.15 6.16
CA LEU B 66 13.30 11.18 5.12
C LEU B 66 11.94 11.87 4.91
N LEU B 67 10.86 11.11 4.95
CA LEU B 67 9.53 11.69 4.76
C LEU B 67 9.23 12.78 5.80
N GLY B 68 9.56 12.51 7.06
CA GLY B 68 9.45 13.51 8.12
C GLY B 68 10.35 14.71 7.90
N ASP B 69 11.56 14.47 7.41
CA ASP B 69 12.49 15.56 7.10
C ASP B 69 11.91 16.47 6.02
N LEU B 70 11.19 15.91 5.06
CA LEU B 70 10.60 16.68 3.96
C LEU B 70 9.33 17.41 4.35
N PHE B 71 8.47 16.71 5.09
CA PHE B 71 7.17 17.24 5.49
C PHE B 71 7.30 18.21 6.67
N GLY B 72 8.37 18.05 7.47
CA GLY B 72 8.63 18.93 8.62
C GLY B 72 7.71 18.73 9.82
N VAL B 73 7.08 17.56 9.90
CA VAL B 73 6.19 17.18 11.02
C VAL B 73 6.58 15.78 11.52
N PRO B 74 6.35 15.49 12.82
CA PRO B 74 6.68 14.15 13.34
C PRO B 74 5.66 13.07 12.96
N SER B 75 4.41 13.50 12.74
CA SER B 75 3.32 12.63 12.33
C SER B 75 2.20 13.42 11.66
N PHE B 76 1.30 12.72 10.98
CA PHE B 76 0.11 13.32 10.39
C PHE B 76 -0.94 12.24 10.15
N SER B 77 -2.19 12.66 9.96
CA SER B 77 -3.28 11.74 9.65
C SER B 77 -3.54 11.63 8.15
N VAL B 78 -3.72 10.40 7.66
CA VAL B 78 -4.06 10.19 6.25
C VAL B 78 -5.43 10.75 5.85
N LYS B 79 -6.28 11.07 6.83
CA LYS B 79 -7.62 11.61 6.56
C LYS B 79 -7.61 13.12 6.26
N GLU B 80 -6.47 13.76 6.50
CA GLU B 80 -6.38 15.20 6.33
C GLU B 80 -5.74 15.55 5.00
N HIS B 81 -6.49 15.43 3.91
CA HIS B 81 -5.94 15.50 2.55
C HIS B 81 -5.32 16.85 2.18
N ARG B 82 -5.99 17.94 2.54
CA ARG B 82 -5.47 19.29 2.23
C ARG B 82 -4.15 19.52 2.92
N LYS B 83 -4.07 19.14 4.19
CA LYS B 83 -2.82 19.26 4.94
C LYS B 83 -1.68 18.54 4.20
N ILE B 84 -1.96 17.35 3.67
CA ILE B 84 -0.95 16.57 2.94
C ILE B 84 -0.53 17.25 1.62
N TYR B 85 -1.51 17.68 0.84
CA TYR B 85 -1.21 18.43 -0.40
C TYR B 85 -0.34 19.66 -0.13
N THR B 86 -0.66 20.39 0.93
CA THR B 86 0.10 21.58 1.30
C THR B 86 1.57 21.22 1.62
N MET B 87 1.79 20.14 2.37
CA MET B 87 3.17 19.73 2.66
C MET B 87 3.96 19.33 1.41
N ILE B 88 3.30 18.64 0.47
CA ILE B 88 3.89 18.32 -0.82
C ILE B 88 4.20 19.57 -1.67
N TYR B 89 3.27 20.52 -1.71
CA TYR B 89 3.46 21.75 -2.48
C TYR B 89 4.69 22.55 -2.05
N ARG B 90 5.15 22.33 -0.81
CA ARG B 90 6.38 22.98 -0.33
C ARG B 90 7.64 22.19 -0.66
N ASN B 91 7.48 21.09 -1.39
CA ASN B 91 8.62 20.23 -1.74
C ASN B 91 8.81 20.09 -3.25
N LEU B 92 8.53 21.17 -3.97
CA LEU B 92 8.59 21.16 -5.43
C LEU B 92 9.59 22.16 -5.95
N VAL B 93 9.94 22.02 -7.23
CA VAL B 93 10.69 23.05 -7.95
C VAL B 93 9.89 23.37 -9.23
N VAL B 94 10.15 24.50 -9.86
CA VAL B 94 9.39 24.86 -11.06
C VAL B 94 9.47 23.79 -12.16
N VAL B 95 8.38 23.56 -12.89
CA VAL B 95 8.33 22.52 -13.92
C VAL B 95 9.17 22.90 -15.14
CL1 BLF C . -6.20 -9.62 0.41
C2 BLF C . -5.93 -8.14 1.30
CL2 BLF C . -8.16 -9.70 6.06
C3 BLF C . -4.72 -7.99 1.99
C5 BLF C . -4.56 -6.79 2.68
N6 BLF C . -3.52 -6.38 3.42
C8 BLF C . -3.73 -5.17 3.94
C9 BLF C . -4.94 -4.71 3.53
C10 BLF C . -5.53 -5.81 2.68
C11 BLF C . -6.74 -5.95 2.01
C13 BLF C . -6.92 -7.15 1.30
C15 BLF C . -5.76 -3.50 3.79
N16 BLF C . -6.30 -3.22 4.97
C17 BLF C . -7.01 -2.13 4.92
N19 BLF C . -6.98 -1.69 3.74
C20 BLF C . -6.18 -2.55 2.92
C21 BLF C . -5.94 -2.28 1.46
C22 BLF C . -4.76 -2.72 0.86
C24 BLF C . -4.50 -2.47 -0.49
C26 BLF C . -5.45 -1.74 -1.25
C28 BLF C . -6.62 -1.28 -0.67
C30 BLF C . -6.88 -1.54 0.69
C32 BLF C . -6.13 -3.97 6.22
C35 BLF C . -6.66 -5.40 6.15
C36 BLF C . -7.84 -5.71 5.45
C38 BLF C . -8.30 -7.04 5.42
C40 BLF C . -7.58 -8.04 6.09
C41 BLF C . -6.40 -7.73 6.79
C43 BLF C . -5.93 -6.40 6.80
C46 BLF C . -2.72 -4.49 4.77
O47 BLF C . -1.74 -5.15 5.07
N48 BLF C . -2.89 -3.20 5.13
C50 BLF C . -1.89 -2.52 5.94
C53 BLF C . -1.70 -1.08 5.40
N56 BLF C . -3.01 -0.36 5.39
C57 BLF C . -3.10 0.75 4.42
C60 BLF C . -4.55 1.29 4.36
O63 BLF C . -5.01 1.63 5.68
C64 BLF C . -4.99 0.52 6.61
C67 BLF C . -3.53 0.00 6.74
CL1 BLF D . 1.52 11.10 2.15
C2 BLF D . 0.25 9.92 1.84
CL2 BLF D . -3.82 13.44 0.35
C3 BLF D . 0.15 9.37 0.55
C5 BLF D . -0.87 8.44 0.33
N6 BLF D . -1.20 7.77 -0.79
C8 BLF D . -2.23 6.97 -0.61
C9 BLF D . -2.65 7.06 0.69
C10 BLF D . -1.74 8.07 1.34
C11 BLF D . -1.66 8.61 2.65
C13 BLF D . -0.64 9.55 2.88
C15 BLF D . -3.78 6.49 1.48
N16 BLF D . -5.04 6.82 1.26
C17 BLF D . -5.83 6.24 2.12
N19 BLF D . -5.14 5.58 2.95
C20 BLF D . -3.76 5.72 2.60
C21 BLF D . -2.69 5.02 3.39
C22 BLF D . -1.49 4.70 2.74
C24 BLF D . -0.47 4.03 3.45
C26 BLF D . -0.67 3.70 4.79
C28 BLF D . -1.87 4.02 5.44
C30 BLF D . -2.89 4.68 4.74
C32 BLF D . -5.56 7.65 0.16
C35 BLF D . -5.12 9.10 0.25
C36 BLF D . -4.92 9.75 1.48
C38 BLF D . -4.51 11.09 1.52
C40 BLF D . -4.31 11.77 0.32
C41 BLF D . -4.52 11.14 -0.91
C43 BLF D . -4.91 9.80 -0.94
C46 BLF D . -2.77 6.13 -1.68
O47 BLF D . -2.41 6.41 -2.82
N48 BLF D . -3.61 5.10 -1.45
C50 BLF D . -4.12 4.32 -2.57
C53 BLF D . -4.89 3.05 -2.11
N56 BLF D . -5.39 3.13 -0.71
C57 BLF D . -5.04 1.91 0.04
C60 BLF D . -5.58 1.93 1.49
O63 BLF D . -6.99 2.22 1.47
C64 BLF D . -7.32 3.46 0.82
C67 BLF D . -6.84 3.44 -0.65
#